data_7UBO
#
_entry.id   7UBO
#
_cell.length_a   61.691
_cell.length_b   94.382
_cell.length_c   112.651
_cell.angle_alpha   90.000
_cell.angle_beta   90.000
_cell.angle_gamma   90.000
#
_symmetry.space_group_name_H-M   'P 21 21 21'
#
loop_
_entity.id
_entity.type
_entity.pdbx_description
1 polymer 'Bromodomain testis-specific protein'
2 non-polymer N-[(2R)-1-(methylamino)-3-{1-[(4-methyl-2-oxo-1,2-dihydroquinolin-6-yl)acetyl]piperidin-4-yl}-1-oxopropan-2-yl]-5-phenylpyridine-2-carboxamide
3 non-polymer 'DIMETHYL SULFOXIDE'
4 water water
#
_entity_poly.entity_id   1
_entity_poly.type   'polypeptide(L)'
_entity_poly.pdbx_seq_one_letter_code
;LTNQLQYLQKVVLKDLWKHSFSWPFQRPVDAVKLQLPDYYTIIKNPMDLNTIKKRLENKYYAKASECIEDFNTMFSNCYL
YNKPGDDIVLMAQALEKLFMQKLSQMPQEE
;
_entity_poly.pdbx_strand_id   A,B,C,D
#
# COMPACT_ATOMS: atom_id res chain seq x y z
N LEU A 1 -8.19 26.14 3.95
CA LEU A 1 -8.53 25.23 2.87
C LEU A 1 -9.67 24.28 3.28
N THR A 2 -10.80 24.44 2.61
CA THR A 2 -11.93 23.51 2.59
C THR A 2 -11.53 22.05 2.86
N ASN A 3 -12.45 21.27 3.43
CA ASN A 3 -12.13 19.86 3.71
C ASN A 3 -11.79 19.09 2.44
N GLN A 4 -12.50 19.37 1.35
CA GLN A 4 -12.23 18.62 0.11
C GLN A 4 -10.99 19.17 -0.60
N LEU A 5 -10.80 20.48 -0.57
CA LEU A 5 -9.59 21.04 -1.15
C LEU A 5 -8.34 20.54 -0.43
N GLN A 6 -8.42 20.33 0.88
CA GLN A 6 -7.26 19.84 1.60
C GLN A 6 -6.97 18.40 1.22
N TYR A 7 -8.03 17.60 1.00
CA TYR A 7 -7.83 16.24 0.50
C TYR A 7 -7.21 16.24 -0.90
N LEU A 8 -7.68 17.15 -1.77
CA LEU A 8 -7.09 17.22 -3.10
C LEU A 8 -5.61 17.57 -3.04
N GLN A 9 -5.23 18.41 -2.07
CA GLN A 9 -3.83 18.78 -1.93
C GLN A 9 -3.00 17.68 -1.29
N LYS A 10 -3.47 17.15 -0.15
CA LYS A 10 -2.65 16.26 0.67
C LYS A 10 -2.73 14.80 0.25
N VAL A 11 -3.78 14.40 -0.46
CA VAL A 11 -3.92 13.02 -0.95
C VAL A 11 -3.76 12.95 -2.47
N VAL A 12 -4.63 13.66 -3.20
CA VAL A 12 -4.69 13.46 -4.66
C VAL A 12 -3.44 14.00 -5.32
N LEU A 13 -3.13 15.27 -5.09
CA LEU A 13 -1.93 15.84 -5.73
C LEU A 13 -0.68 15.10 -5.28
N LYS A 14 -0.58 14.76 -4.00
CA LYS A 14 0.57 14.02 -3.48
C LYS A 14 0.73 12.68 -4.18
N ASP A 15 -0.38 11.94 -4.30
CA ASP A 15 -0.29 10.60 -4.87
C ASP A 15 -0.01 10.63 -6.37
N LEU A 16 -0.60 11.60 -7.09
CA LEU A 16 -0.24 11.75 -8.50
C LEU A 16 1.22 12.13 -8.66
N TRP A 17 1.72 13.03 -7.81
CA TRP A 17 3.12 13.44 -7.91
C TRP A 17 4.05 12.25 -7.72
N LYS A 18 3.75 11.36 -6.78
CA LYS A 18 4.60 10.21 -6.50
C LYS A 18 4.48 9.11 -7.53
N HIS A 19 3.47 9.15 -8.40
CA HIS A 19 3.26 8.09 -9.37
C HIS A 19 4.38 8.11 -10.40
N SER A 20 4.83 6.92 -10.81
CA SER A 20 6.04 6.90 -11.61
C SER A 20 5.87 7.52 -13.00
N PHE A 21 4.63 7.77 -13.45
CA PHE A 21 4.39 8.37 -14.77
C PHE A 21 4.13 9.86 -14.72
N SER A 22 4.21 10.51 -13.55
CA SER A 22 3.77 11.90 -13.45
C SER A 22 4.84 12.92 -13.83
N TRP A 23 6.11 12.51 -13.92
CA TRP A 23 7.18 13.50 -14.12
C TRP A 23 6.99 14.39 -15.34
N PRO A 24 6.48 13.91 -16.49
CA PRO A 24 6.29 14.84 -17.62
C PRO A 24 5.27 15.92 -17.34
N PHE A 25 4.38 15.70 -16.38
CA PHE A 25 3.28 16.60 -16.09
C PHE A 25 3.56 17.49 -14.89
N GLN A 26 4.79 17.51 -14.40
CA GLN A 26 5.12 18.29 -13.20
C GLN A 26 5.58 19.70 -13.51
N ARG A 27 5.54 20.12 -14.76
CA ARG A 27 5.95 21.47 -15.13
C ARG A 27 5.20 21.86 -16.40
N PRO A 28 5.17 23.15 -16.74
CA PRO A 28 4.56 23.55 -18.00
C PRO A 28 5.18 22.84 -19.20
N VAL A 29 4.34 22.55 -20.18
CA VAL A 29 4.81 21.93 -21.42
C VAL A 29 5.74 22.89 -22.13
N ASP A 30 7.00 22.49 -22.29
CA ASP A 30 7.97 23.29 -23.06
C ASP A 30 7.89 22.80 -24.50
N ALA A 31 6.98 23.39 -25.28
CA ALA A 31 6.74 22.92 -26.64
C ALA A 31 7.96 23.10 -27.52
N VAL A 32 8.74 24.16 -27.29
CA VAL A 32 9.96 24.35 -28.08
C VAL A 32 10.96 23.25 -27.78
N LYS A 33 11.25 23.03 -26.50
CA LYS A 33 12.24 22.03 -26.12
C LYS A 33 11.79 20.63 -26.54
N LEU A 34 10.52 20.31 -26.31
CA LEU A 34 9.99 18.97 -26.59
C LEU A 34 9.63 18.77 -28.05
N GLN A 35 9.76 19.81 -28.89
CA GLN A 35 9.46 19.74 -30.32
C GLN A 35 8.02 19.28 -30.57
N LEU A 36 7.09 20.01 -29.97
CA LEU A 36 5.66 19.77 -30.13
C LEU A 36 5.07 20.91 -30.95
N PRO A 37 5.01 20.79 -32.27
CA PRO A 37 4.54 21.91 -33.09
C PRO A 37 3.11 22.27 -32.74
N ASP A 38 2.84 23.57 -32.69
CA ASP A 38 1.48 24.10 -32.60
C ASP A 38 0.84 23.85 -31.25
N TYR A 39 1.59 23.40 -30.24
CA TYR A 39 0.99 23.03 -28.96
C TYR A 39 0.12 24.15 -28.41
N TYR A 40 0.69 25.35 -28.29
CA TYR A 40 -0.03 26.46 -27.67
C TYR A 40 -0.98 27.17 -28.62
N THR A 41 -1.03 26.74 -29.88
CA THR A 41 -2.14 27.11 -30.75
C THR A 41 -3.34 26.20 -30.52
N ILE A 42 -3.10 24.92 -30.22
CA ILE A 42 -4.17 23.94 -30.10
C ILE A 42 -4.73 23.88 -28.67
N ILE A 43 -3.91 24.14 -27.67
CA ILE A 43 -4.31 24.01 -26.27
C ILE A 43 -4.65 25.41 -25.77
N LYS A 44 -5.93 25.71 -25.55
CA LYS A 44 -6.33 27.05 -25.16
C LYS A 44 -6.26 27.30 -23.66
N ASN A 45 -6.11 26.25 -22.84
CA ASN A 45 -5.85 26.42 -21.42
C ASN A 45 -4.82 25.38 -20.96
N PRO A 46 -3.55 25.76 -20.91
CA PRO A 46 -2.52 24.82 -20.48
C PRO A 46 -2.70 24.45 -19.02
N MET A 47 -2.22 23.27 -18.64
CA MET A 47 -2.35 22.98 -17.22
C MET A 47 -1.29 21.92 -16.90
N ASP A 48 -0.77 21.95 -15.69
CA ASP A 48 0.20 20.96 -15.24
C ASP A 48 0.08 20.83 -13.73
N LEU A 49 0.78 19.83 -13.16
CA LEU A 49 0.64 19.54 -11.75
C LEU A 49 1.24 20.64 -10.88
N ASN A 50 2.28 21.31 -11.35
CA ASN A 50 2.89 22.37 -10.55
C ASN A 50 1.98 23.58 -10.45
N THR A 51 1.30 23.91 -11.55
CA THR A 51 0.31 24.98 -11.52
C THR A 51 -0.80 24.67 -10.52
N ILE A 52 -1.30 23.43 -10.52
CA ILE A 52 -2.31 23.04 -9.54
C ILE A 52 -1.74 23.08 -8.13
N LYS A 53 -0.51 22.57 -7.95
CA LYS A 53 0.14 22.64 -6.65
C LYS A 53 0.17 24.06 -6.11
N LYS A 54 0.58 25.03 -6.94
CA LYS A 54 0.67 26.40 -6.44
C LYS A 54 -0.70 27.04 -6.24
N ARG A 55 -1.68 26.67 -7.06
CA ARG A 55 -3.03 27.18 -6.85
C ARG A 55 -3.58 26.69 -5.52
N LEU A 56 -3.34 25.43 -5.18
CA LEU A 56 -3.74 24.93 -3.87
C LEU A 56 -2.98 25.67 -2.75
N GLU A 57 -1.67 25.86 -2.92
CA GLU A 57 -0.88 26.55 -1.91
C GLU A 57 -1.34 28.00 -1.71
N ASN A 58 -1.76 28.65 -2.79
CA ASN A 58 -2.09 30.06 -2.74
C ASN A 58 -3.57 30.33 -2.54
N LYS A 59 -4.34 29.31 -2.14
CA LYS A 59 -5.77 29.48 -1.89
C LYS A 59 -6.47 30.10 -3.09
N TYR A 60 -6.11 29.63 -4.28
CA TYR A 60 -6.69 30.17 -5.51
C TYR A 60 -8.11 29.67 -5.73
N TYR A 61 -8.37 28.42 -5.38
CA TYR A 61 -9.68 27.82 -5.63
C TYR A 61 -10.69 28.21 -4.57
N ALA A 62 -11.90 28.54 -5.01
CA ALA A 62 -13.01 28.74 -4.08
C ALA A 62 -13.73 27.44 -3.77
N LYS A 63 -13.72 26.47 -4.68
CA LYS A 63 -14.43 25.22 -4.49
C LYS A 63 -13.58 24.06 -5.00
N ALA A 64 -13.79 22.89 -4.40
CA ALA A 64 -13.07 21.70 -4.86
C ALA A 64 -13.33 21.41 -6.33
N SER A 65 -14.53 21.70 -6.83
CA SER A 65 -14.85 21.41 -8.22
C SER A 65 -13.92 22.17 -9.17
N GLU A 66 -13.50 23.37 -8.80
CA GLU A 66 -12.61 24.15 -9.67
C GLU A 66 -11.24 23.48 -9.79
N CYS A 67 -10.76 22.90 -8.69
CA CYS A 67 -9.49 22.18 -8.73
C CYS A 67 -9.63 20.88 -9.52
N ILE A 68 -10.73 20.16 -9.32
CA ILE A 68 -11.00 18.97 -10.12
C ILE A 68 -11.04 19.32 -11.60
N GLU A 69 -11.62 20.48 -11.96
CA GLU A 69 -11.65 20.87 -13.37
C GLU A 69 -10.25 21.03 -13.93
N ASP A 70 -9.33 21.59 -13.15
CA ASP A 70 -7.96 21.77 -13.63
C ASP A 70 -7.26 20.44 -13.86
N PHE A 71 -7.39 19.49 -12.93
CA PHE A 71 -6.88 18.15 -13.20
C PHE A 71 -7.44 17.61 -14.51
N ASN A 72 -8.76 17.72 -14.70
CA ASN A 72 -9.36 17.16 -15.90
C ASN A 72 -8.82 17.85 -17.16
N THR A 73 -8.54 19.16 -17.06
CA THR A 73 -7.97 19.89 -18.19
C THR A 73 -6.59 19.38 -18.55
N MET A 74 -5.71 19.16 -17.54
CA MET A 74 -4.47 18.41 -17.79
C MET A 74 -4.66 17.22 -18.71
N PHE A 75 -5.49 16.29 -18.27
CA PHE A 75 -5.63 15.04 -19.00
C PHE A 75 -6.26 15.26 -20.37
N SER A 76 -7.30 16.10 -20.45
N SER A 76 -7.32 16.08 -20.42
CA SER A 76 -7.94 16.30 -21.74
CA SER A 76 -7.97 16.38 -21.69
C SER A 76 -7.03 17.06 -22.71
C SER A 76 -6.99 17.01 -22.68
N ASN A 77 -6.14 17.92 -22.20
CA ASN A 77 -5.16 18.56 -23.08
C ASN A 77 -4.28 17.53 -23.75
N CYS A 78 -3.79 16.57 -22.96
CA CYS A 78 -2.93 15.52 -23.47
C CYS A 78 -3.65 14.70 -24.54
N TYR A 79 -4.91 14.34 -24.29
CA TYR A 79 -5.65 13.52 -25.25
C TYR A 79 -5.98 14.31 -26.51
N LEU A 80 -6.13 15.63 -26.41
CA LEU A 80 -6.44 16.42 -27.59
C LEU A 80 -5.23 16.61 -28.47
N TYR A 81 -4.05 16.83 -27.87
CA TYR A 81 -2.88 17.20 -28.67
C TYR A 81 -2.19 16.00 -29.29
N ASN A 82 -2.05 14.89 -28.55
CA ASN A 82 -1.18 13.80 -28.96
C ASN A 82 -1.97 12.68 -29.64
N LYS A 83 -1.28 11.89 -30.48
CA LYS A 83 -1.92 10.75 -31.12
C LYS A 83 -2.29 9.70 -30.06
N PRO A 84 -3.41 9.01 -30.24
CA PRO A 84 -3.70 7.87 -29.36
C PRO A 84 -2.59 6.84 -29.47
N GLY A 85 -2.23 6.26 -28.34
CA GLY A 85 -1.17 5.26 -28.35
C GLY A 85 0.23 5.80 -28.27
N ASP A 86 0.41 7.12 -28.37
CA ASP A 86 1.68 7.73 -28.01
C ASP A 86 1.98 7.41 -26.55
N ASP A 87 3.28 7.30 -26.23
CA ASP A 87 3.68 7.01 -24.86
C ASP A 87 3.03 7.98 -23.86
N ILE A 88 3.06 9.28 -24.19
CA ILE A 88 2.58 10.28 -23.24
C ILE A 88 1.09 10.08 -22.96
N VAL A 89 0.33 9.62 -23.96
CA VAL A 89 -1.10 9.37 -23.76
C VAL A 89 -1.31 8.13 -22.89
N LEU A 90 -0.52 7.08 -23.13
CA LEU A 90 -0.64 5.88 -22.31
C LEU A 90 -0.29 6.17 -20.87
N MET A 91 0.75 6.97 -20.63
CA MET A 91 1.08 7.35 -19.25
C MET A 91 0.01 8.21 -18.63
N ALA A 92 -0.53 9.18 -19.38
CA ALA A 92 -1.61 10.01 -18.85
C ALA A 92 -2.83 9.18 -18.47
N GLN A 93 -3.19 8.19 -19.30
CA GLN A 93 -4.37 7.39 -19.01
C GLN A 93 -4.21 6.61 -17.70
N ALA A 94 -3.02 6.08 -17.44
CA ALA A 94 -2.80 5.38 -16.18
C ALA A 94 -2.88 6.36 -15.01
N LEU A 95 -2.24 7.53 -15.15
CA LEU A 95 -2.30 8.55 -14.12
C LEU A 95 -3.74 8.96 -13.85
N GLU A 96 -4.53 9.06 -14.92
CA GLU A 96 -5.91 9.51 -14.78
C GLU A 96 -6.76 8.48 -14.05
N LYS A 97 -6.50 7.18 -14.24
CA LYS A 97 -7.26 6.19 -13.47
C LYS A 97 -6.97 6.31 -11.99
N LEU A 98 -5.72 6.60 -11.62
CA LEU A 98 -5.42 6.86 -10.21
C LEU A 98 -6.18 8.08 -9.72
N PHE A 99 -6.16 9.16 -10.51
CA PHE A 99 -6.89 10.37 -10.14
C PHE A 99 -8.38 10.08 -9.88
N MET A 100 -9.05 9.38 -10.80
CA MET A 100 -10.47 9.13 -10.59
C MET A 100 -10.72 8.25 -9.38
N GLN A 101 -9.84 7.28 -9.13
CA GLN A 101 -9.94 6.47 -7.92
C GLN A 101 -9.89 7.35 -6.67
N LYS A 102 -8.96 8.31 -6.65
CA LYS A 102 -8.84 9.17 -5.48
C LYS A 102 -10.06 10.06 -5.31
N LEU A 103 -10.70 10.44 -6.42
CA LEU A 103 -11.96 11.18 -6.29
C LEU A 103 -13.05 10.30 -5.69
N SER A 104 -13.10 9.03 -6.10
CA SER A 104 -14.09 8.12 -5.54
C SER A 104 -13.97 8.03 -4.02
N GLN A 105 -12.75 8.20 -3.49
CA GLN A 105 -12.47 8.07 -2.07
C GLN A 105 -12.43 9.40 -1.32
N MET A 106 -12.77 10.50 -1.99
CA MET A 106 -12.82 11.82 -1.38
C MET A 106 -13.93 11.87 -0.33
N PRO A 107 -13.68 12.45 0.86
CA PRO A 107 -14.79 12.74 1.77
C PRO A 107 -15.87 13.58 1.09
N GLN A 108 -17.13 13.24 1.35
CA GLN A 108 -18.24 13.96 0.76
C GLN A 108 -18.29 15.39 1.28
N GLU A 109 -18.98 16.26 0.55
CA GLU A 109 -19.14 17.64 0.96
C GLU A 109 -20.11 17.75 2.13
N THR B 2 22.58 9.87 2.61
CA THR B 2 22.91 9.42 1.27
C THR B 2 23.69 8.11 1.32
N ASN B 3 24.32 7.86 2.48
CA ASN B 3 25.18 6.69 2.60
C ASN B 3 24.40 5.40 2.37
N GLN B 4 23.24 5.28 3.01
CA GLN B 4 22.40 4.10 2.76
C GLN B 4 21.81 4.14 1.35
N LEU B 5 21.41 5.33 0.88
CA LEU B 5 20.96 5.47 -0.50
C LEU B 5 22.11 5.15 -1.47
N GLN B 6 23.33 5.53 -1.13
CA GLN B 6 24.47 5.19 -1.98
C GLN B 6 24.60 3.68 -2.13
N TYR B 7 24.45 2.95 -1.02
CA TYR B 7 24.48 1.49 -1.08
C TYR B 7 23.36 0.95 -1.96
N LEU B 8 22.14 1.50 -1.83
CA LEU B 8 21.05 1.02 -2.66
C LEU B 8 21.32 1.26 -4.14
N GLN B 9 22.01 2.36 -4.46
CA GLN B 9 22.31 2.63 -5.86
C GLN B 9 23.48 1.79 -6.37
N LYS B 10 24.62 1.81 -5.66
CA LYS B 10 25.85 1.24 -6.20
C LYS B 10 25.95 -0.26 -5.99
N VAL B 11 25.22 -0.84 -5.04
CA VAL B 11 25.27 -2.27 -4.77
C VAL B 11 23.94 -2.93 -5.15
N VAL B 12 22.85 -2.55 -4.49
CA VAL B 12 21.60 -3.28 -4.65
C VAL B 12 21.06 -3.12 -6.07
N LEU B 13 20.87 -1.88 -6.52
CA LEU B 13 20.36 -1.65 -7.86
C LEU B 13 21.26 -2.30 -8.91
N LYS B 14 22.57 -2.12 -8.76
CA LYS B 14 23.53 -2.68 -9.70
C LYS B 14 23.41 -4.20 -9.79
N ASP B 15 23.36 -4.87 -8.63
CA ASP B 15 23.27 -6.33 -8.63
C ASP B 15 21.97 -6.81 -9.25
N LEU B 16 20.86 -6.14 -8.93
CA LEU B 16 19.58 -6.53 -9.52
C LEU B 16 19.59 -6.34 -11.03
N TRP B 17 20.18 -5.23 -11.51
CA TRP B 17 20.19 -4.96 -12.94
C TRP B 17 20.95 -6.04 -13.70
N LYS B 18 22.07 -6.50 -13.15
CA LYS B 18 22.88 -7.52 -13.81
C LYS B 18 22.29 -8.92 -13.69
N HIS B 19 21.32 -9.11 -12.80
CA HIS B 19 20.68 -10.40 -12.61
C HIS B 19 19.89 -10.77 -13.86
N SER B 20 20.06 -11.99 -14.36
CA SER B 20 19.52 -12.33 -15.68
C SER B 20 18.00 -12.46 -15.70
N PHE B 21 17.33 -12.45 -14.55
CA PHE B 21 15.87 -12.40 -14.53
C PHE B 21 15.31 -10.99 -14.45
N SER B 22 16.15 -9.95 -14.45
CA SER B 22 15.66 -8.60 -14.18
C SER B 22 15.14 -7.87 -15.41
N TRP B 23 15.51 -8.31 -16.63
CA TRP B 23 15.22 -7.52 -17.82
C TRP B 23 13.74 -7.15 -17.99
N PRO B 24 12.77 -8.00 -17.61
CA PRO B 24 11.37 -7.58 -17.72
C PRO B 24 11.02 -6.42 -16.81
N PHE B 25 11.81 -6.19 -15.76
CA PHE B 25 11.55 -5.17 -14.76
C PHE B 25 12.42 -3.93 -14.94
N GLN B 26 13.18 -3.86 -16.03
CA GLN B 26 14.08 -2.74 -16.27
C GLN B 26 13.41 -1.56 -16.96
N ARG B 27 12.12 -1.64 -17.23
CA ARG B 27 11.41 -0.54 -17.86
C ARG B 27 9.96 -0.63 -17.43
N PRO B 28 9.20 0.46 -17.56
CA PRO B 28 7.77 0.40 -17.23
C PRO B 28 7.07 -0.71 -17.99
N VAL B 29 6.02 -1.25 -17.36
CA VAL B 29 5.27 -2.36 -17.93
C VAL B 29 4.48 -1.83 -19.13
N ASP B 30 4.81 -2.31 -20.33
CA ASP B 30 4.11 -1.89 -21.54
C ASP B 30 2.89 -2.80 -21.68
N ALA B 31 1.78 -2.41 -21.04
CA ALA B 31 0.60 -3.26 -21.02
C ALA B 31 -0.02 -3.42 -22.40
N VAL B 32 0.30 -2.52 -23.34
CA VAL B 32 -0.22 -2.65 -24.68
C VAL B 32 0.52 -3.76 -25.43
N LYS B 33 1.85 -3.64 -25.50
CA LYS B 33 2.63 -4.59 -26.28
C LYS B 33 2.67 -5.96 -25.61
N LEU B 34 2.54 -6.00 -24.29
CA LEU B 34 2.49 -7.24 -23.54
C LEU B 34 1.08 -7.81 -23.44
N GLN B 35 0.08 -7.08 -23.95
CA GLN B 35 -1.32 -7.48 -23.91
C GLN B 35 -1.71 -7.93 -22.50
N LEU B 36 -1.56 -7.02 -21.55
CA LEU B 36 -1.87 -7.29 -20.15
C LEU B 36 -3.13 -6.53 -19.79
N PRO B 37 -4.30 -7.17 -19.81
CA PRO B 37 -5.54 -6.41 -19.63
C PRO B 37 -5.72 -5.89 -18.22
N ASP B 38 -6.22 -4.67 -18.11
CA ASP B 38 -6.48 -4.00 -16.85
C ASP B 38 -5.23 -3.81 -16.02
N TYR B 39 -4.03 -3.86 -16.62
CA TYR B 39 -2.83 -3.76 -15.79
C TYR B 39 -2.86 -2.48 -14.95
N TYR B 40 -3.09 -1.35 -15.59
CA TYR B 40 -3.03 -0.06 -14.90
C TYR B 40 -4.34 0.31 -14.23
N THR B 41 -5.31 -0.59 -14.25
CA THR B 41 -6.46 -0.52 -13.37
C THR B 41 -6.17 -1.21 -12.04
N ILE B 42 -5.53 -2.38 -12.11
CA ILE B 42 -5.15 -3.12 -10.91
C ILE B 42 -3.96 -2.47 -10.22
N ILE B 43 -2.98 -2.04 -10.98
CA ILE B 43 -1.70 -1.57 -10.45
C ILE B 43 -1.74 -0.05 -10.48
N LYS B 44 -2.02 0.54 -9.32
CA LYS B 44 -2.12 1.99 -9.17
C LYS B 44 -0.80 2.65 -8.79
N ASN B 45 0.21 1.86 -8.40
CA ASN B 45 1.53 2.36 -8.05
C ASN B 45 2.58 1.56 -8.83
N PRO B 46 2.57 1.69 -10.15
CA PRO B 46 3.52 0.92 -10.97
C PRO B 46 4.96 1.32 -10.66
N MET B 47 5.85 0.35 -10.79
CA MET B 47 7.25 0.64 -10.47
C MET B 47 8.15 -0.31 -11.24
N ASP B 48 9.34 0.17 -11.57
CA ASP B 48 10.30 -0.58 -12.36
C ASP B 48 11.69 -0.10 -11.98
N LEU B 49 12.71 -0.87 -12.41
CA LEU B 49 14.08 -0.57 -11.99
C LEU B 49 14.61 0.71 -12.64
N ASN B 50 14.14 1.05 -13.84
CA ASN B 50 14.64 2.27 -14.45
C ASN B 50 14.14 3.51 -13.72
N THR B 51 12.87 3.49 -13.30
CA THR B 51 12.35 4.57 -12.48
C THR B 51 13.14 4.72 -11.18
N ILE B 52 13.41 3.61 -10.49
CA ILE B 52 14.23 3.67 -9.28
C ILE B 52 15.61 4.23 -9.61
N LYS B 53 16.22 3.76 -10.71
CA LYS B 53 17.53 4.26 -11.13
C LYS B 53 17.51 5.77 -11.32
N LYS B 54 16.50 6.27 -12.04
CA LYS B 54 16.38 7.71 -12.25
C LYS B 54 16.20 8.46 -10.93
N ARG B 55 15.34 7.96 -10.05
CA ARG B 55 15.11 8.63 -8.78
C ARG B 55 16.38 8.69 -7.94
N LEU B 56 17.18 7.62 -7.96
CA LEU B 56 18.45 7.65 -7.23
C LEU B 56 19.39 8.69 -7.85
N GLU B 57 19.45 8.73 -9.18
CA GLU B 57 20.32 9.68 -9.85
C GLU B 57 19.87 11.12 -9.62
N ASN B 58 18.57 11.35 -9.47
CA ASN B 58 18.01 12.69 -9.37
C ASN B 58 17.80 13.15 -7.93
N LYS B 59 18.32 12.40 -6.95
CA LYS B 59 18.17 12.80 -5.55
C LYS B 59 16.69 12.95 -5.17
N TYR B 60 15.87 12.05 -5.71
CA TYR B 60 14.43 12.12 -5.45
C TYR B 60 14.09 11.66 -4.05
N TYR B 61 14.76 10.61 -3.57
CA TYR B 61 14.43 10.00 -2.28
C TYR B 61 14.97 10.84 -1.14
N ALA B 62 14.12 11.09 -0.14
CA ALA B 62 14.58 11.77 1.06
C ALA B 62 15.29 10.83 2.02
N LYS B 63 14.98 9.53 1.96
CA LYS B 63 15.62 8.58 2.85
C LYS B 63 15.58 7.18 2.23
N ALA B 64 16.48 6.32 2.71
CA ALA B 64 16.63 4.99 2.11
C ALA B 64 15.33 4.19 2.17
N SER B 65 14.57 4.32 3.26
CA SER B 65 13.34 3.55 3.39
C SER B 65 12.38 3.81 2.24
N GLU B 66 12.33 5.03 1.73
CA GLU B 66 11.46 5.34 0.61
C GLU B 66 11.87 4.57 -0.64
N CYS B 67 13.19 4.42 -0.84
CA CYS B 67 13.67 3.67 -1.99
C CYS B 67 13.41 2.17 -1.81
N ILE B 68 13.64 1.64 -0.61
CA ILE B 68 13.30 0.25 -0.33
C ILE B 68 11.83 0.00 -0.64
N GLU B 69 10.95 0.93 -0.25
CA GLU B 69 9.53 0.79 -0.52
C GLU B 69 9.27 0.62 -2.01
N ASP B 70 9.94 1.41 -2.84
CA ASP B 70 9.76 1.29 -4.29
C ASP B 70 10.17 -0.10 -4.79
N PHE B 71 11.33 -0.60 -4.34
CA PHE B 71 11.70 -1.97 -4.68
C PHE B 71 10.60 -2.95 -4.28
N ASN B 72 10.11 -2.83 -3.04
CA ASN B 72 9.06 -3.73 -2.56
C ASN B 72 7.80 -3.63 -3.42
N THR B 73 7.45 -2.41 -3.82
CA THR B 73 6.28 -2.19 -4.67
C THR B 73 6.42 -2.91 -6.00
N MET B 74 7.60 -2.79 -6.65
CA MET B 74 7.87 -3.57 -7.86
C MET B 74 7.46 -5.03 -7.72
N PHE B 75 7.98 -5.69 -6.69
CA PHE B 75 7.70 -7.11 -6.49
C PHE B 75 6.24 -7.35 -6.18
N SER B 76 5.65 -6.57 -5.26
N SER B 76 5.67 -6.57 -5.25
CA SER B 76 4.26 -6.85 -4.90
CA SER B 76 4.28 -6.74 -4.86
C SER B 76 3.29 -6.56 -6.05
C SER B 76 3.35 -6.60 -6.07
N ASN B 77 3.60 -5.59 -6.92
CA ASN B 77 2.80 -5.43 -8.13
C ASN B 77 2.77 -6.71 -8.94
N CYS B 78 3.95 -7.31 -9.13
CA CYS B 78 4.03 -8.54 -9.91
C CYS B 78 3.20 -9.64 -9.28
N TYR B 79 3.31 -9.82 -7.97
CA TYR B 79 2.57 -10.90 -7.31
C TYR B 79 1.08 -10.63 -7.32
N LEU B 80 0.68 -9.36 -7.27
CA LEU B 80 -0.74 -9.01 -7.29
C LEU B 80 -1.35 -9.27 -8.66
N TYR B 81 -0.67 -8.85 -9.72
CA TYR B 81 -1.32 -8.84 -11.02
C TYR B 81 -1.35 -10.24 -11.66
N ASN B 82 -0.30 -11.01 -11.48
CA ASN B 82 -0.12 -12.26 -12.21
C ASN B 82 -0.52 -13.46 -11.37
N LYS B 83 -0.57 -14.64 -12.02
CA LYS B 83 -0.88 -15.86 -11.30
C LYS B 83 0.39 -16.46 -10.68
N PRO B 84 0.27 -17.08 -9.52
CA PRO B 84 1.41 -17.83 -8.98
C PRO B 84 1.83 -18.89 -9.98
N GLY B 85 3.14 -19.06 -10.14
CA GLY B 85 3.64 -20.03 -11.09
C GLY B 85 3.78 -19.53 -12.51
N ASP B 86 3.21 -18.37 -12.84
CA ASP B 86 3.58 -17.69 -14.07
C ASP B 86 5.10 -17.48 -14.08
N ASP B 87 5.69 -17.57 -15.28
CA ASP B 87 7.12 -17.34 -15.42
C ASP B 87 7.54 -16.01 -14.79
N ILE B 88 6.80 -14.94 -15.09
CA ILE B 88 7.15 -13.62 -14.59
C ILE B 88 7.21 -13.63 -13.06
N VAL B 89 6.32 -14.38 -12.41
CA VAL B 89 6.30 -14.45 -10.95
C VAL B 89 7.50 -15.24 -10.42
N LEU B 90 7.80 -16.37 -11.04
CA LEU B 90 8.98 -17.14 -10.64
C LEU B 90 10.24 -16.29 -10.80
N MET B 91 10.30 -15.52 -11.87
CA MET B 91 11.42 -14.62 -12.14
C MET B 91 11.52 -13.57 -11.03
N ALA B 92 10.40 -12.94 -10.70
CA ALA B 92 10.41 -11.92 -9.65
C ALA B 92 10.80 -12.50 -8.29
N GLN B 93 10.30 -13.71 -7.97
CA GLN B 93 10.59 -14.31 -6.68
C GLN B 93 12.09 -14.56 -6.53
N ALA B 94 12.74 -15.07 -7.57
CA ALA B 94 14.19 -15.28 -7.48
C ALA B 94 14.93 -13.96 -7.36
N LEU B 95 14.53 -12.97 -8.16
CA LEU B 95 15.14 -11.64 -8.08
C LEU B 95 14.96 -11.03 -6.70
N GLU B 96 13.80 -11.23 -6.09
CA GLU B 96 13.54 -10.69 -4.76
C GLU B 96 14.44 -11.34 -3.71
N LYS B 97 14.85 -12.59 -3.93
CA LYS B 97 15.74 -13.22 -2.97
C LYS B 97 17.12 -12.58 -3.00
N LEU B 98 17.60 -12.24 -4.19
CA LEU B 98 18.82 -11.45 -4.29
C LEU B 98 18.64 -10.09 -3.62
N PHE B 99 17.51 -9.43 -3.90
CA PHE B 99 17.25 -8.14 -3.29
C PHE B 99 17.32 -8.21 -1.77
N MET B 100 16.59 -9.14 -1.15
CA MET B 100 16.64 -9.19 0.31
C MET B 100 17.99 -9.61 0.85
N GLN B 101 18.73 -10.44 0.12
CA GLN B 101 20.09 -10.77 0.57
C GLN B 101 20.95 -9.52 0.63
N LYS B 102 20.98 -8.73 -0.45
CA LYS B 102 21.82 -7.54 -0.45
C LYS B 102 21.29 -6.50 0.54
N LEU B 103 19.97 -6.40 0.67
CA LEU B 103 19.40 -5.44 1.62
C LEU B 103 19.81 -5.79 3.05
N SER B 104 19.91 -7.08 3.35
CA SER B 104 20.31 -7.48 4.70
C SER B 104 21.75 -7.06 5.02
N GLN B 105 22.53 -6.65 4.02
CA GLN B 105 23.90 -6.21 4.25
C GLN B 105 24.03 -4.68 4.22
N MET B 106 22.91 -3.96 4.19
CA MET B 106 22.82 -2.52 4.36
C MET B 106 23.80 -2.03 5.42
N PRO B 107 24.69 -1.09 5.10
CA PRO B 107 25.59 -0.54 6.12
C PRO B 107 24.82 0.22 7.19
N GLN B 108 25.44 0.32 8.37
CA GLN B 108 24.75 0.82 9.55
C GLN B 108 24.38 2.30 9.43
N GLU B 109 25.15 3.07 8.68
CA GLU B 109 25.03 4.53 8.74
C GLU B 109 23.69 5.03 8.20
N LEU C 1 -13.22 -18.05 -6.19
CA LEU C 1 -12.78 -16.78 -6.75
C LEU C 1 -13.91 -15.75 -6.69
N THR C 2 -14.91 -15.92 -7.56
CA THR C 2 -16.14 -15.16 -7.40
C THR C 2 -16.88 -15.58 -6.12
N ASN C 3 -16.69 -16.82 -5.69
CA ASN C 3 -17.27 -17.28 -4.43
C ASN C 3 -16.66 -16.54 -3.25
N GLN C 4 -15.33 -16.41 -3.25
CA GLN C 4 -14.65 -15.70 -2.17
C GLN C 4 -15.03 -14.22 -2.16
N LEU C 5 -15.11 -13.61 -3.34
CA LEU C 5 -15.54 -12.21 -3.41
C LEU C 5 -16.99 -12.07 -2.94
N GLN C 6 -17.86 -13.01 -3.34
CA GLN C 6 -19.23 -12.98 -2.83
C GLN C 6 -19.25 -13.09 -1.30
N TYR C 7 -18.42 -13.97 -0.75
CA TYR C 7 -18.38 -14.12 0.71
C TYR C 7 -17.93 -12.84 1.38
N LEU C 8 -16.88 -12.20 0.85
CA LEU C 8 -16.39 -10.96 1.44
C LEU C 8 -17.43 -9.87 1.39
N GLN C 9 -18.29 -9.86 0.36
CA GLN C 9 -19.31 -8.84 0.24
C GLN C 9 -20.54 -9.17 1.09
N LYS C 10 -21.04 -10.40 0.98
CA LYS C 10 -22.30 -10.77 1.62
C LYS C 10 -22.14 -11.19 3.08
N VAL C 11 -20.94 -11.57 3.50
CA VAL C 11 -20.69 -11.99 4.88
C VAL C 11 -19.77 -11.00 5.61
N VAL C 12 -18.55 -10.84 5.11
CA VAL C 12 -17.56 -10.03 5.85
C VAL C 12 -17.97 -8.57 5.87
N LEU C 13 -18.21 -7.98 4.69
CA LEU C 13 -18.60 -6.58 4.64
C LEU C 13 -19.89 -6.35 5.44
N LYS C 14 -20.90 -7.21 5.23
CA LYS C 14 -22.17 -7.01 5.90
C LYS C 14 -22.03 -7.07 7.42
N ASP C 15 -21.35 -8.10 7.93
CA ASP C 15 -21.25 -8.26 9.38
C ASP C 15 -20.46 -7.11 10.02
N LEU C 16 -19.43 -6.62 9.34
CA LEU C 16 -18.67 -5.49 9.87
C LEU C 16 -19.52 -4.23 9.85
N TRP C 17 -20.23 -3.98 8.74
CA TRP C 17 -21.08 -2.80 8.63
C TRP C 17 -22.16 -2.78 9.71
N LYS C 18 -22.80 -3.92 9.96
CA LYS C 18 -23.85 -3.98 10.97
C LYS C 18 -23.33 -3.97 12.39
N HIS C 19 -22.03 -4.07 12.61
CA HIS C 19 -21.52 -4.05 13.98
C HIS C 19 -21.65 -2.67 14.59
N SER C 20 -21.97 -2.64 15.89
CA SER C 20 -22.24 -1.39 16.57
C SER C 20 -21.05 -0.44 16.59
N PHE C 21 -19.82 -0.95 16.47
CA PHE C 21 -18.64 -0.10 16.50
C PHE C 21 -18.19 0.39 15.13
N SER C 22 -18.89 0.02 14.05
CA SER C 22 -18.34 0.30 12.72
C SER C 22 -18.59 1.72 12.22
N TRP C 23 -19.45 2.50 12.85
CA TRP C 23 -19.87 3.77 12.26
C TRP C 23 -18.72 4.70 11.88
N PRO C 24 -17.62 4.81 12.64
CA PRO C 24 -16.53 5.71 12.21
C PRO C 24 -15.84 5.25 10.94
N PHE C 25 -16.00 3.97 10.59
CA PHE C 25 -15.29 3.37 9.47
C PHE C 25 -16.17 3.21 8.24
N GLN C 26 -17.38 3.75 8.27
CA GLN C 26 -18.33 3.62 7.17
C GLN C 26 -18.15 4.72 6.12
N ARG C 27 -17.13 5.55 6.25
CA ARG C 27 -16.87 6.63 5.32
C ARG C 27 -15.39 6.93 5.38
N PRO C 28 -14.82 7.55 4.34
CA PRO C 28 -13.41 7.93 4.38
C PRO C 28 -13.10 8.79 5.60
N VAL C 29 -11.93 8.56 6.20
CA VAL C 29 -11.43 9.47 7.22
C VAL C 29 -11.39 10.88 6.64
N ASP C 30 -12.09 11.82 7.28
CA ASP C 30 -12.04 13.22 6.88
C ASP C 30 -11.15 13.92 7.90
N ALA C 31 -9.88 14.09 7.55
CA ALA C 31 -8.91 14.57 8.54
C ALA C 31 -9.19 16.00 8.96
N VAL C 32 -9.73 16.83 8.07
CA VAL C 32 -10.05 18.20 8.43
C VAL C 32 -11.23 18.23 9.38
N LYS C 33 -12.30 17.51 9.05
CA LYS C 33 -13.50 17.57 9.86
C LYS C 33 -13.24 16.95 11.23
N LEU C 34 -12.48 15.86 11.28
CA LEU C 34 -12.13 15.22 12.54
C LEU C 34 -10.93 15.86 13.23
N GLN C 35 -10.28 16.83 12.60
CA GLN C 35 -9.15 17.55 13.20
C GLN C 35 -8.04 16.57 13.61
N LEU C 36 -7.53 15.85 12.62
CA LEU C 36 -6.52 14.81 12.80
C LEU C 36 -5.21 15.29 12.17
N PRO C 37 -4.35 15.97 12.92
CA PRO C 37 -3.15 16.57 12.31
C PRO C 37 -2.28 15.54 11.61
N ASP C 38 -1.78 15.91 10.44
CA ASP C 38 -0.83 15.11 9.65
C ASP C 38 -1.39 13.76 9.23
N TYR C 39 -2.70 13.57 9.30
CA TYR C 39 -3.26 12.25 8.99
C TYR C 39 -2.88 11.82 7.58
N TYR C 40 -3.11 12.67 6.59
CA TYR C 40 -2.87 12.26 5.21
C TYR C 40 -1.39 12.13 4.88
N THR C 41 -0.50 12.62 5.74
CA THR C 41 0.92 12.42 5.50
C THR C 41 1.43 11.16 6.20
N ILE C 42 0.87 10.84 7.36
CA ILE C 42 1.27 9.63 8.08
C ILE C 42 0.66 8.39 7.45
N ILE C 43 -0.59 8.48 7.01
CA ILE C 43 -1.33 7.32 6.49
C ILE C 43 -1.27 7.40 4.96
N LYS C 44 -0.36 6.60 4.38
CA LYS C 44 -0.15 6.49 2.94
C LYS C 44 -1.36 5.94 2.19
N ASN C 45 -2.15 5.08 2.83
CA ASN C 45 -3.20 4.32 2.14
C ASN C 45 -4.49 4.33 2.95
N PRO C 46 -5.16 5.47 3.00
CA PRO C 46 -6.44 5.54 3.72
C PRO C 46 -7.41 4.50 3.18
N MET C 47 -8.19 3.90 4.08
CA MET C 47 -9.17 2.95 3.60
C MET C 47 -10.36 2.93 4.55
N ASP C 48 -11.52 2.52 4.04
CA ASP C 48 -12.76 2.56 4.83
C ASP C 48 -13.75 1.56 4.22
N LEU C 49 -14.82 1.29 4.97
CA LEU C 49 -15.80 0.28 4.55
C LEU C 49 -16.59 0.71 3.31
N ASN C 50 -16.90 2.00 3.18
CA ASN C 50 -17.65 2.43 2.00
C ASN C 50 -16.83 2.23 0.73
N THR C 51 -15.54 2.54 0.80
CA THR C 51 -14.65 2.32 -0.34
C THR C 51 -14.61 0.84 -0.70
N ILE C 52 -14.46 -0.03 0.30
CA ILE C 52 -14.45 -1.46 0.03
C ILE C 52 -15.80 -1.90 -0.54
N LYS C 53 -16.89 -1.39 0.02
CA LYS C 53 -18.22 -1.65 -0.52
C LYS C 53 -18.29 -1.30 -2.00
N LYS C 54 -17.80 -0.11 -2.37
CA LYS C 54 -17.87 0.33 -3.77
C LYS C 54 -17.01 -0.55 -4.68
N ARG C 55 -15.81 -0.92 -4.22
CA ARG C 55 -14.94 -1.76 -5.02
C ARG C 55 -15.58 -3.12 -5.27
N LEU C 56 -16.18 -3.72 -4.23
CA LEU C 56 -16.87 -4.99 -4.42
C LEU C 56 -18.05 -4.85 -5.37
N GLU C 57 -18.80 -3.75 -5.28
CA GLU C 57 -19.96 -3.59 -6.15
C GLU C 57 -19.57 -3.39 -7.60
N ASN C 58 -18.39 -2.84 -7.86
CA ASN C 58 -17.97 -2.52 -9.21
C ASN C 58 -16.90 -3.48 -9.73
N LYS C 59 -16.81 -4.68 -9.16
CA LYS C 59 -15.89 -5.73 -9.60
C LYS C 59 -14.47 -5.18 -9.76
N TYR C 60 -14.02 -4.47 -8.73
CA TYR C 60 -12.69 -3.88 -8.74
C TYR C 60 -11.60 -4.91 -8.50
N TYR C 61 -11.89 -5.95 -7.72
CA TYR C 61 -10.87 -6.89 -7.29
C TYR C 61 -10.75 -8.04 -8.27
N ALA C 62 -9.52 -8.33 -8.69
CA ALA C 62 -9.23 -9.56 -9.41
C ALA C 62 -8.81 -10.69 -8.48
N LYS C 63 -8.42 -10.37 -7.24
CA LYS C 63 -8.02 -11.37 -6.27
C LYS C 63 -8.69 -11.09 -4.94
N ALA C 64 -9.22 -12.15 -4.31
CA ALA C 64 -9.82 -11.99 -2.99
C ALA C 64 -8.81 -11.42 -2.00
N SER C 65 -7.54 -11.81 -2.13
CA SER C 65 -6.54 -11.40 -1.15
C SER C 65 -6.34 -9.88 -1.13
N GLU C 66 -6.54 -9.20 -2.25
CA GLU C 66 -6.38 -7.75 -2.26
CA GLU C 66 -6.40 -7.75 -2.29
C GLU C 66 -7.51 -7.08 -1.49
N CYS C 67 -8.72 -7.63 -1.56
CA CYS C 67 -9.83 -7.12 -0.76
C CYS C 67 -9.58 -7.35 0.72
N ILE C 68 -9.12 -8.56 1.08
CA ILE C 68 -8.76 -8.85 2.46
C ILE C 68 -7.69 -7.88 2.95
N GLU C 69 -6.74 -7.52 2.07
CA GLU C 69 -5.70 -6.57 2.45
C GLU C 69 -6.29 -5.18 2.69
N ASP C 70 -7.29 -4.79 1.90
CA ASP C 70 -7.95 -3.50 2.12
C ASP C 70 -8.66 -3.47 3.48
N PHE C 71 -9.40 -4.53 3.81
CA PHE C 71 -10.03 -4.59 5.14
C PHE C 71 -8.98 -4.41 6.22
N ASN C 72 -7.87 -5.14 6.10
CA ASN C 72 -6.84 -5.11 7.13
C ASN C 72 -6.20 -3.74 7.23
N THR C 73 -5.94 -3.11 6.08
CA THR C 73 -5.36 -1.77 6.07
C THR C 73 -6.20 -0.77 6.85
N MET C 74 -7.53 -0.91 6.78
CA MET C 74 -8.40 -0.03 7.55
C MET C 74 -8.05 -0.11 9.04
N PHE C 75 -7.84 -1.32 9.55
CA PHE C 75 -7.53 -1.48 10.97
C PHE C 75 -6.10 -1.03 11.29
N SER C 76 -5.11 -1.48 10.50
N SER C 76 -5.13 -1.48 10.49
CA SER C 76 -3.74 -1.12 10.81
CA SER C 76 -3.74 -1.13 10.77
C SER C 76 -3.51 0.39 10.71
C SER C 76 -3.53 0.38 10.72
N ASN C 77 -4.23 1.06 9.81
CA ASN C 77 -4.16 2.53 9.76
C ASN C 77 -4.51 3.12 11.12
N CYS C 78 -5.55 2.58 11.77
CA CYS C 78 -5.94 3.04 13.09
CA CYS C 78 -5.92 3.06 13.09
C CYS C 78 -4.80 2.88 14.10
N TYR C 79 -4.13 1.73 14.06
CA TYR C 79 -3.06 1.48 15.03
C TYR C 79 -1.83 2.32 14.73
N LEU C 80 -1.57 2.59 13.44
CA LEU C 80 -0.43 3.43 13.07
C LEU C 80 -0.64 4.87 13.49
N TYR C 81 -1.85 5.39 13.35
CA TYR C 81 -2.08 6.81 13.59
C TYR C 81 -2.38 7.13 15.04
N ASN C 82 -3.06 6.25 15.77
CA ASN C 82 -3.53 6.61 17.09
C ASN C 82 -2.67 5.93 18.15
N LYS C 83 -3.11 6.03 19.40
CA LYS C 83 -2.32 5.60 20.55
C LYS C 83 -3.02 4.48 21.30
N PRO C 84 -2.28 3.65 22.02
CA PRO C 84 -2.93 2.61 22.83
C PRO C 84 -3.97 3.20 23.76
N GLY C 85 -5.10 2.52 23.88
CA GLY C 85 -6.16 2.95 24.79
C GLY C 85 -7.14 3.96 24.20
N ASP C 86 -6.84 4.56 23.04
CA ASP C 86 -7.76 5.49 22.41
C ASP C 86 -9.08 4.80 22.10
N ASP C 87 -10.19 5.54 22.26
CA ASP C 87 -11.51 4.98 21.94
C ASP C 87 -11.51 4.35 20.55
N ILE C 88 -10.96 5.05 19.56
CA ILE C 88 -11.05 4.54 18.19
C ILE C 88 -10.23 3.27 18.03
N VAL C 89 -9.14 3.13 18.79
CA VAL C 89 -8.32 1.93 18.74
C VAL C 89 -9.05 0.75 19.37
N LEU C 90 -9.72 0.99 20.51
CA LEU C 90 -10.43 -0.10 21.16
C LEU C 90 -11.62 -0.56 20.32
N MET C 91 -12.33 0.38 19.69
CA MET C 91 -13.38 -0.01 18.74
C MET C 91 -12.80 -0.78 17.56
N ALA C 92 -11.67 -0.31 17.01
CA ALA C 92 -11.06 -1.00 15.88
C ALA C 92 -10.65 -2.42 16.24
N GLN C 93 -10.15 -2.63 17.46
CA GLN C 93 -9.71 -3.97 17.83
C GLN C 93 -10.89 -4.93 17.95
N ALA C 94 -12.03 -4.45 18.42
CA ALA C 94 -13.22 -5.32 18.46
C ALA C 94 -13.68 -5.66 17.06
N LEU C 95 -13.65 -4.68 16.15
CA LEU C 95 -14.02 -4.94 14.76
C LEU C 95 -13.02 -5.89 14.10
N GLU C 96 -11.73 -5.68 14.35
CA GLU C 96 -10.71 -6.55 13.76
C GLU C 96 -10.91 -8.00 14.19
N LYS C 97 -11.31 -8.23 15.44
CA LYS C 97 -11.53 -9.59 15.90
C LYS C 97 -12.65 -10.26 15.11
N LEU C 98 -13.74 -9.53 14.87
CA LEU C 98 -14.84 -10.07 14.06
C LEU C 98 -14.39 -10.33 12.63
N PHE C 99 -13.59 -9.41 12.07
CA PHE C 99 -13.05 -9.58 10.72
C PHE C 99 -12.23 -10.87 10.62
N MET C 100 -11.23 -11.04 11.50
CA MET C 100 -10.46 -12.29 11.57
C MET C 100 -11.34 -13.53 11.72
N GLN C 101 -12.36 -13.47 12.58
CA GLN C 101 -13.25 -14.62 12.74
C GLN C 101 -13.91 -14.99 11.42
N LYS C 102 -14.52 -14.01 10.75
CA LYS C 102 -15.19 -14.30 9.50
C LYS C 102 -14.20 -14.64 8.40
N LEU C 103 -13.01 -14.03 8.42
CA LEU C 103 -11.99 -14.36 7.44
C LEU C 103 -11.56 -15.83 7.57
N SER C 104 -11.50 -16.34 8.80
CA SER C 104 -11.09 -17.71 9.03
C SER C 104 -12.09 -18.72 8.47
N GLN C 105 -13.34 -18.31 8.24
CA GLN C 105 -14.36 -19.20 7.69
C GLN C 105 -14.58 -19.04 6.19
N MET C 106 -13.79 -18.20 5.52
CA MET C 106 -13.83 -18.06 4.07
C MET C 106 -13.86 -19.43 3.37
N PRO C 107 -14.81 -19.68 2.49
CA PRO C 107 -14.74 -20.90 1.67
C PRO C 107 -13.50 -20.89 0.79
N GLN C 108 -12.95 -22.07 0.58
CA GLN C 108 -11.78 -22.22 -0.29
C GLN C 108 -12.11 -23.13 -1.47
N THR D 2 -7.81 -29.33 14.44
CA THR D 2 -6.47 -28.77 14.48
C THR D 2 -5.93 -28.44 13.09
N ASN D 3 -6.71 -28.75 12.04
CA ASN D 3 -6.19 -28.56 10.69
C ASN D 3 -5.90 -27.08 10.41
N GLN D 4 -6.67 -26.17 11.01
CA GLN D 4 -6.35 -24.75 10.89
C GLN D 4 -5.10 -24.40 11.70
N LEU D 5 -5.02 -24.90 12.93
CA LEU D 5 -3.82 -24.71 13.74
C LEU D 5 -2.62 -25.36 13.07
N GLN D 6 -2.82 -26.54 12.46
CA GLN D 6 -1.80 -27.16 11.63
C GLN D 6 -1.31 -26.20 10.56
N TYR D 7 -2.24 -25.59 9.83
CA TYR D 7 -1.86 -24.63 8.79
C TYR D 7 -1.12 -23.44 9.37
N LEU D 8 -1.59 -22.93 10.51
CA LEU D 8 -0.92 -21.81 11.16
C LEU D 8 0.52 -22.14 11.49
N GLN D 9 0.78 -23.35 11.99
CA GLN D 9 2.14 -23.71 12.37
C GLN D 9 2.99 -24.01 11.14
N LYS D 10 2.53 -24.90 10.26
CA LYS D 10 3.37 -25.42 9.19
C LYS D 10 3.49 -24.48 8.00
N VAL D 11 2.56 -23.57 7.79
CA VAL D 11 2.59 -22.63 6.68
C VAL D 11 2.81 -21.20 7.15
N VAL D 12 1.91 -20.67 7.97
CA VAL D 12 1.97 -19.26 8.32
C VAL D 12 3.22 -18.95 9.13
N LEU D 13 3.36 -19.58 10.30
CA LEU D 13 4.53 -19.34 11.14
C LEU D 13 5.83 -19.59 10.37
N LYS D 14 5.90 -20.73 9.68
CA LYS D 14 7.11 -21.06 8.93
C LYS D 14 7.45 -19.97 7.92
N ASP D 15 6.46 -19.56 7.12
CA ASP D 15 6.72 -18.56 6.08
C ASP D 15 7.12 -17.22 6.66
N LEU D 16 6.50 -16.82 7.77
CA LEU D 16 6.90 -15.59 8.44
C LEU D 16 8.31 -15.71 9.02
N TRP D 17 8.62 -16.84 9.63
CA TRP D 17 9.96 -17.01 10.22
C TRP D 17 11.05 -16.93 9.16
N LYS D 18 10.81 -17.49 7.97
CA LYS D 18 11.81 -17.49 6.93
C LYS D 18 12.02 -16.13 6.29
N HIS D 19 11.06 -15.21 6.41
CA HIS D 19 11.19 -13.89 5.82
C HIS D 19 12.37 -13.14 6.45
N SER D 20 13.13 -12.44 5.62
CA SER D 20 14.34 -11.79 6.12
C SER D 20 14.06 -10.60 7.04
N PHE D 21 12.80 -10.16 7.15
CA PHE D 21 12.45 -9.08 8.05
C PHE D 21 11.96 -9.58 9.41
N SER D 22 11.92 -10.90 9.63
CA SER D 22 11.27 -11.44 10.81
C SER D 22 12.15 -11.46 12.05
N TRP D 23 13.47 -11.38 11.89
CA TRP D 23 14.37 -11.61 13.03
C TRP D 23 14.06 -10.74 14.25
N PRO D 24 13.68 -9.47 14.13
CA PRO D 24 13.36 -8.69 15.35
C PRO D 24 12.17 -9.24 16.12
N PHE D 25 11.30 -10.01 15.48
CA PHE D 25 10.06 -10.51 16.08
C PHE D 25 10.19 -11.96 16.53
N GLN D 26 11.39 -12.53 16.48
CA GLN D 26 11.63 -13.91 16.84
C GLN D 26 11.93 -14.11 18.32
N ARG D 27 11.87 -13.03 19.12
CA ARG D 27 12.15 -13.08 20.54
C ARG D 27 11.29 -12.02 21.21
N PRO D 28 10.91 -12.21 22.47
CA PRO D 28 10.21 -11.15 23.19
C PRO D 28 10.97 -9.84 23.07
N VAL D 29 10.23 -8.73 23.02
CA VAL D 29 10.85 -7.41 23.06
C VAL D 29 11.68 -7.28 24.33
N ASP D 30 12.96 -6.95 24.18
CA ASP D 30 13.81 -6.63 25.33
C ASP D 30 13.93 -5.11 25.39
N ALA D 31 13.05 -4.49 26.18
CA ALA D 31 13.00 -3.03 26.23
C ALA D 31 14.28 -2.43 26.78
N VAL D 32 15.01 -3.17 27.63
CA VAL D 32 16.29 -2.67 28.12
C VAL D 32 17.32 -2.65 27.00
N LYS D 33 17.55 -3.81 26.37
CA LYS D 33 18.56 -3.88 25.32
C LYS D 33 18.22 -2.93 24.17
N LEU D 34 16.93 -2.83 23.83
CA LEU D 34 16.47 -2.02 22.70
C LEU D 34 16.21 -0.57 23.09
N GLN D 35 16.41 -0.22 24.36
CA GLN D 35 16.19 1.13 24.88
C GLN D 35 14.80 1.67 24.52
N LEU D 36 13.79 0.89 24.88
CA LEU D 36 12.40 1.21 24.57
C LEU D 36 11.71 1.77 25.81
N PRO D 37 11.64 3.10 25.96
CA PRO D 37 11.06 3.68 27.17
C PRO D 37 9.61 3.25 27.37
N ASP D 38 9.31 2.75 28.58
CA ASP D 38 7.95 2.45 29.01
C ASP D 38 7.27 1.41 28.15
N TYR D 39 8.03 0.58 27.42
CA TYR D 39 7.38 -0.39 26.55
C TYR D 39 6.37 -1.22 27.32
N TYR D 40 6.78 -1.74 28.49
CA TYR D 40 5.88 -2.60 29.23
C TYR D 40 4.80 -1.83 29.96
N THR D 41 4.93 -0.51 30.10
CA THR D 41 3.84 0.28 30.63
C THR D 41 2.79 0.57 29.56
N ILE D 42 3.21 0.68 28.30
CA ILE D 42 2.31 1.00 27.21
C ILE D 42 1.72 -0.25 26.56
N ILE D 43 2.53 -1.29 26.38
CA ILE D 43 2.10 -2.51 25.70
C ILE D 43 1.80 -3.54 26.79
N LYS D 44 0.50 -3.79 27.02
CA LYS D 44 0.10 -4.66 28.12
C LYS D 44 0.13 -6.13 27.76
N ASN D 45 0.10 -6.47 26.48
CA ASN D 45 0.11 -7.86 26.03
C ASN D 45 1.22 -8.04 25.00
N PRO D 46 2.48 -8.08 25.45
CA PRO D 46 3.56 -8.38 24.51
C PRO D 46 3.36 -9.73 23.83
N MET D 47 3.90 -9.84 22.62
CA MET D 47 3.79 -11.01 21.77
C MET D 47 4.92 -11.03 20.75
N ASP D 48 5.30 -12.24 20.36
CA ASP D 48 6.41 -12.44 19.43
C ASP D 48 6.25 -13.82 18.79
N LEU D 49 7.03 -14.07 17.75
CA LEU D 49 6.87 -15.31 17.00
C LEU D 49 7.36 -16.53 17.77
N ASN D 50 8.36 -16.37 18.64
CA ASN D 50 8.82 -17.52 19.41
C ASN D 50 7.75 -17.97 20.39
N THR D 51 7.09 -17.04 21.06
CA THR D 51 6.01 -17.38 21.96
C THR D 51 4.89 -18.10 21.23
N ILE D 52 4.51 -17.60 20.05
CA ILE D 52 3.51 -18.28 19.24
C ILE D 52 3.99 -19.67 18.87
N LYS D 53 5.26 -19.80 18.48
CA LYS D 53 5.80 -21.09 18.08
C LYS D 53 5.71 -22.11 19.21
N LYS D 54 6.07 -21.70 20.43
CA LYS D 54 6.01 -22.61 21.58
C LYS D 54 4.56 -22.98 21.90
N ARG D 55 3.66 -22.00 21.91
CA ARG D 55 2.26 -22.29 22.15
C ARG D 55 1.70 -23.31 21.15
N LEU D 56 2.04 -23.15 19.87
CA LEU D 56 1.62 -24.14 18.89
C LEU D 56 2.23 -25.50 19.20
N GLU D 57 3.52 -25.52 19.57
CA GLU D 57 4.20 -26.76 19.88
C GLU D 57 3.61 -27.43 21.12
N ASN D 58 3.24 -26.63 22.12
CA ASN D 58 2.77 -27.13 23.40
C ASN D 58 1.24 -27.28 23.46
N LYS D 59 0.55 -27.15 22.34
CA LYS D 59 -0.90 -27.31 22.31
C LYS D 59 -1.61 -26.32 23.23
N TYR D 60 -1.05 -25.12 23.35
CA TYR D 60 -1.64 -24.09 24.21
C TYR D 60 -3.00 -23.63 23.69
N TYR D 61 -3.14 -23.50 22.36
CA TYR D 61 -4.37 -22.97 21.79
C TYR D 61 -5.45 -24.04 21.72
N ALA D 62 -6.70 -23.63 21.98
CA ALA D 62 -7.84 -24.50 21.79
C ALA D 62 -8.47 -24.34 20.41
N LYS D 63 -8.24 -23.21 19.74
CA LYS D 63 -8.79 -23.00 18.41
C LYS D 63 -7.95 -21.96 17.68
N ALA D 64 -8.04 -22.02 16.35
CA ALA D 64 -7.15 -21.20 15.51
C ALA D 64 -7.30 -19.71 15.80
N SER D 65 -8.51 -19.26 16.13
CA SER D 65 -8.73 -17.84 16.35
C SER D 65 -7.84 -17.29 17.46
N GLU D 66 -7.62 -18.09 18.51
CA GLU D 66 -6.72 -17.66 19.58
C GLU D 66 -5.31 -17.42 19.05
N CYS D 67 -4.85 -18.29 18.17
CA CYS D 67 -3.52 -18.13 17.57
C CYS D 67 -3.48 -16.93 16.64
N ILE D 68 -4.52 -16.77 15.81
CA ILE D 68 -4.60 -15.61 14.93
C ILE D 68 -4.57 -14.33 15.75
N GLU D 69 -5.26 -14.32 16.89
CA GLU D 69 -5.26 -13.14 17.74
C GLU D 69 -3.84 -12.81 18.22
N ASP D 70 -3.04 -13.83 18.51
CA ASP D 70 -1.67 -13.60 18.95
C ASP D 70 -0.85 -12.92 17.85
N PHE D 71 -0.92 -13.43 16.61
CA PHE D 71 -0.24 -12.77 15.51
C PHE D 71 -0.66 -11.31 15.41
N ASN D 72 -1.97 -11.06 15.48
CA ASN D 72 -2.48 -9.71 15.28
C ASN D 72 -1.99 -8.78 16.39
N THR D 73 -1.92 -9.27 17.62
CA THR D 73 -1.42 -8.46 18.73
C THR D 73 0.04 -8.08 18.51
N MET D 74 0.85 -9.02 18.05
CA MET D 74 2.24 -8.72 17.73
C MET D 74 2.35 -7.53 16.78
N PHE D 75 1.50 -7.49 15.74
CA PHE D 75 1.59 -6.41 14.76
C PHE D 75 1.07 -5.11 15.33
N SER D 76 -0.12 -5.13 15.96
CA SER D 76 -0.70 -3.89 16.45
C SER D 76 0.13 -3.30 17.59
N ASN D 77 0.68 -4.16 18.46
CA ASN D 77 1.65 -3.68 19.46
C ASN D 77 2.70 -2.82 18.78
N CYS D 78 3.26 -3.33 17.67
CA CYS D 78 4.34 -2.62 16.99
C CYS D 78 3.84 -1.30 16.41
N TYR D 79 2.67 -1.30 15.76
CA TYR D 79 2.15 -0.06 15.18
C TYR D 79 1.78 0.93 16.27
N LEU D 80 1.26 0.45 17.39
CA LEU D 80 0.79 1.36 18.43
C LEU D 80 1.94 2.00 19.18
N TYR D 81 3.03 1.25 19.40
CA TYR D 81 4.09 1.73 20.28
C TYR D 81 5.07 2.64 19.56
N ASN D 82 5.45 2.28 18.33
CA ASN D 82 6.53 2.96 17.64
C ASN D 82 6.01 4.13 16.82
N LYS D 83 6.93 4.91 16.29
CA LYS D 83 6.51 5.96 15.37
C LYS D 83 6.30 5.36 13.99
N PRO D 84 5.32 5.87 13.25
CA PRO D 84 5.15 5.39 11.87
C PRO D 84 6.34 5.82 11.03
N GLY D 85 6.76 4.96 10.13
CA GLY D 85 7.95 5.20 9.37
C GLY D 85 9.24 4.74 10.03
N ASP D 86 9.19 4.38 11.32
CA ASP D 86 10.29 3.65 11.92
C ASP D 86 10.56 2.38 11.13
N ASP D 87 11.84 2.02 10.98
CA ASP D 87 12.19 0.77 10.31
C ASP D 87 11.39 -0.40 10.84
N ILE D 88 11.26 -0.50 12.16
CA ILE D 88 10.60 -1.67 12.74
C ILE D 88 9.15 -1.74 12.27
N VAL D 89 8.50 -0.59 12.10
CA VAL D 89 7.12 -0.57 11.63
C VAL D 89 7.07 -0.96 10.15
N LEU D 90 8.01 -0.47 9.34
CA LEU D 90 8.01 -0.81 7.92
C LEU D 90 8.25 -2.30 7.73
N MET D 91 9.14 -2.88 8.52
CA MET D 91 9.35 -4.33 8.44
C MET D 91 8.12 -5.10 8.89
N ALA D 92 7.50 -4.66 9.99
CA ALA D 92 6.27 -5.32 10.46
C ALA D 92 5.18 -5.30 9.40
N GLN D 93 4.99 -4.15 8.73
CA GLN D 93 3.95 -4.07 7.71
C GLN D 93 4.20 -5.04 6.57
N ALA D 94 5.46 -5.19 6.13
CA ALA D 94 5.75 -6.16 5.09
C ALA D 94 5.45 -7.58 5.58
N LEU D 95 5.78 -7.87 6.83
CA LEU D 95 5.46 -9.18 7.39
C LEU D 95 3.96 -9.41 7.48
N GLU D 96 3.21 -8.39 7.91
CA GLU D 96 1.78 -8.56 8.06
C GLU D 96 1.11 -8.74 6.71
N LYS D 97 1.62 -8.10 5.67
CA LYS D 97 1.04 -8.28 4.35
C LYS D 97 1.15 -9.74 3.92
N LEU D 98 2.28 -10.38 4.21
CA LEU D 98 2.43 -11.81 3.95
C LEU D 98 1.49 -12.63 4.82
N PHE D 99 1.42 -12.30 6.12
CA PHE D 99 0.54 -13.01 7.04
C PHE D 99 -0.88 -13.03 6.50
N MET D 100 -1.36 -11.89 6.00
CA MET D 100 -2.74 -11.78 5.57
C MET D 100 -2.96 -12.58 4.29
N GLN D 101 -1.95 -12.63 3.41
CA GLN D 101 -2.07 -13.44 2.19
C GLN D 101 -2.15 -14.92 2.53
N LYS D 102 -1.33 -15.38 3.48
CA LYS D 102 -1.40 -16.78 3.87
C LYS D 102 -2.73 -17.09 4.54
N LEU D 103 -3.29 -16.12 5.25
CA LEU D 103 -4.58 -16.33 5.90
C LEU D 103 -5.70 -16.43 4.86
N SER D 104 -5.56 -15.70 3.75
CA SER D 104 -6.51 -15.82 2.64
C SER D 104 -6.57 -17.23 2.07
N GLN D 105 -5.61 -18.10 2.42
CA GLN D 105 -5.54 -19.44 1.83
C GLN D 105 -5.73 -20.54 2.87
N MET D 106 -6.08 -20.19 4.10
CA MET D 106 -6.27 -21.18 5.14
C MET D 106 -7.49 -22.05 4.86
N PRO D 107 -7.40 -23.37 5.10
CA PRO D 107 -8.59 -24.23 4.95
C PRO D 107 -9.64 -23.89 6.00
N GLN D 108 -10.81 -24.52 5.86
CA GLN D 108 -11.92 -24.20 6.74
C GLN D 108 -11.93 -25.04 8.02
N GLU D 109 -12.40 -26.29 7.97
CA GLU D 109 -12.54 -27.06 9.21
C GLU D 109 -12.62 -28.54 8.90
N GLU D 110 -11.74 -29.32 9.52
CA GLU D 110 -11.67 -30.75 9.28
C GLU D 110 -10.81 -31.44 10.34
#